data_5HOW
#
_entry.id   5HOW
#
_cell.length_a   97.310
_cell.length_b   97.310
_cell.length_c   97.621
_cell.angle_alpha   90.00
_cell.angle_beta   90.00
_cell.angle_gamma   120.00
#
_symmetry.space_group_name_H-M   'P 61 2 2'
#
loop_
_entity.id
_entity.type
_entity.pdbx_description
1 polymer 'Amyloid beta A4 protein'
2 water water
#
_entity_poly.entity_id   1
_entity_poly.type   'polypeptide(L)'
_entity_poly.pdbx_seq_one_letter_code
;(ORN)LV(PHI)FAEDCGSNKCAII(SAR)L(ORN)V
;
_entity_poly.pdbx_strand_id   A,B,C,D,E,F
#
# COMPACT_ATOMS: atom_id res chain seq x y z
N LEU A 2 3.58 -0.97 5.84
CA LEU A 2 2.39 -1.80 5.99
C LEU A 2 2.79 -3.24 5.74
N VAL A 3 2.22 -4.17 6.48
CA VAL A 3 2.56 -5.56 6.25
C VAL A 3 1.26 -6.30 5.99
N PHE A 5 -0.75 -9.93 4.68
CA PHE A 5 -0.59 -11.35 4.95
C PHE A 5 -1.28 -12.20 3.89
N ALA A 6 -0.69 -13.35 3.61
CA ALA A 6 -1.20 -14.27 2.60
C ALA A 6 -0.77 -15.68 2.96
N GLU A 7 -1.64 -16.64 2.68
CA GLU A 7 -1.27 -18.05 2.76
C GLU A 7 -0.56 -18.45 1.47
N ASP A 8 0.72 -18.82 1.59
CA ASP A 8 1.50 -19.31 0.45
C ASP A 8 1.32 -20.83 0.40
N CYS A 9 0.41 -21.28 -0.46
CA CYS A 9 0.08 -22.70 -0.56
C CYS A 9 0.92 -23.31 -1.67
N GLY A 10 1.99 -24.01 -1.28
CA GLY A 10 2.88 -24.65 -2.23
C GLY A 10 2.39 -25.99 -2.67
N SER A 11 3.33 -26.90 -2.93
CA SER A 11 3.01 -28.25 -3.39
C SER A 11 2.39 -29.02 -2.22
N ASN A 12 1.10 -28.75 -1.99
CA ASN A 12 0.33 -29.43 -0.94
C ASN A 12 0.89 -29.10 0.44
N LYS A 13 1.08 -27.81 0.71
CA LYS A 13 1.53 -27.35 2.02
C LYS A 13 1.54 -25.83 2.10
N CYS A 14 0.73 -25.27 3.00
CA CYS A 14 0.56 -23.83 3.12
C CYS A 14 1.30 -23.30 4.35
N ALA A 15 1.44 -21.97 4.39
CA ALA A 15 2.07 -21.28 5.50
C ALA A 15 1.85 -19.78 5.34
N ILE A 16 1.48 -19.11 6.43
CA ILE A 16 1.23 -17.68 6.38
C ILE A 16 2.55 -16.94 6.24
N ILE A 17 2.55 -15.91 5.38
CA ILE A 17 3.74 -15.11 5.14
C ILE A 17 3.38 -13.63 5.16
N LEU A 19 4.00 -9.58 3.83
CA LEU A 19 4.38 -8.86 2.61
C LEU A 19 4.56 -7.38 2.92
N VAL A 21 5.46 -3.59 2.78
CA VAL A 21 5.41 -2.42 1.91
C VAL A 21 5.66 -1.14 2.72
N LEU B 2 -1.19 -17.84 -3.84
CA LEU B 2 -1.30 -17.03 -2.65
C LEU B 2 -2.76 -16.83 -2.29
N VAL B 3 -3.06 -16.76 -1.00
CA VAL B 3 -4.46 -16.55 -0.64
C VAL B 3 -4.53 -15.41 0.36
N PHE B 5 -6.60 -12.67 2.67
CA PHE B 5 -7.79 -12.74 3.49
C PHE B 5 -8.51 -11.41 3.44
N ALA B 6 -9.83 -11.47 3.43
CA ALA B 6 -10.64 -10.28 3.43
C ALA B 6 -11.98 -10.60 4.07
N GLU B 7 -12.68 -9.57 4.49
CA GLU B 7 -14.04 -9.69 4.99
C GLU B 7 -15.00 -9.03 4.02
N ASP B 8 -15.99 -9.80 3.59
CA ASP B 8 -17.08 -9.27 2.77
C ASP B 8 -18.16 -8.78 3.72
N CYS B 9 -18.28 -7.47 3.88
CA CYS B 9 -19.14 -6.87 4.88
C CYS B 9 -20.32 -6.21 4.18
N GLY B 10 -21.52 -6.69 4.51
CA GLY B 10 -22.74 -6.15 3.93
C GLY B 10 -23.37 -5.10 4.81
N SER B 11 -24.67 -5.24 5.08
CA SER B 11 -25.39 -4.28 5.90
C SER B 11 -24.63 -3.98 7.18
N ASN B 12 -24.57 -4.95 8.10
CA ASN B 12 -23.77 -4.79 9.32
C ASN B 12 -23.21 -6.13 9.79
N LYS B 13 -22.96 -7.05 8.87
CA LYS B 13 -22.33 -8.32 9.17
C LYS B 13 -21.20 -8.55 8.17
N CYS B 14 -20.17 -9.28 8.61
CA CYS B 14 -19.02 -9.59 7.80
C CYS B 14 -18.81 -11.09 7.70
N ALA B 15 -18.08 -11.50 6.67
CA ALA B 15 -17.76 -12.90 6.46
C ALA B 15 -16.37 -12.99 5.86
N ILE B 16 -15.50 -13.82 6.45
CA ILE B 16 -14.18 -14.04 5.88
C ILE B 16 -14.33 -14.65 4.50
N ILE B 17 -13.53 -14.18 3.56
CA ILE B 17 -13.43 -14.81 2.24
C ILE B 17 -11.96 -14.87 1.85
N LEU B 19 -9.02 -14.95 -1.23
CA LEU B 19 -8.85 -14.43 -2.58
C LEU B 19 -7.63 -15.08 -3.20
N VAL B 21 -4.95 -16.46 -5.67
CA VAL B 21 -4.16 -15.99 -6.80
C VAL B 21 -3.03 -16.98 -7.07
N LEU C 2 11.28 1.18 -10.63
CA LEU C 2 10.56 2.40 -10.32
C LEU C 2 10.61 2.61 -8.82
N VAL C 3 10.74 3.86 -8.39
CA VAL C 3 10.79 4.19 -6.98
C VAL C 3 9.69 5.20 -6.69
N PHE C 5 7.24 7.30 -3.92
CA PHE C 5 7.48 7.98 -2.67
C PHE C 5 6.22 8.08 -1.86
N ALA C 6 6.36 7.93 -0.54
CA ALA C 6 5.23 7.99 0.36
C ALA C 6 5.71 8.52 1.70
N GLU C 7 4.78 9.15 2.41
CA GLU C 7 5.04 9.58 3.78
C GLU C 7 4.61 8.46 4.72
N ASP C 8 5.58 7.78 5.33
CA ASP C 8 5.29 6.72 6.27
C ASP C 8 5.08 7.37 7.64
N CYS C 9 3.82 7.54 8.02
CA CYS C 9 3.46 8.23 9.25
C CYS C 9 3.18 7.19 10.33
N GLY C 10 4.09 7.08 11.29
CA GLY C 10 3.96 6.17 12.40
C GLY C 10 3.39 6.85 13.63
N SER C 11 3.54 6.17 14.76
CA SER C 11 2.97 6.70 16.00
C SER C 11 3.60 8.02 16.40
N ASN C 12 4.93 8.14 16.28
CA ASN C 12 5.63 9.34 16.72
C ASN C 12 6.68 9.78 15.71
N LYS C 13 6.46 9.50 14.43
CA LYS C 13 7.43 9.89 13.40
C LYS C 13 6.89 9.64 11.99
N CYS C 14 6.70 10.70 11.22
CA CYS C 14 6.53 10.57 9.78
C CYS C 14 7.89 10.72 9.10
N ALA C 15 7.99 10.17 7.91
CA ALA C 15 9.23 10.25 7.14
C ALA C 15 8.96 9.79 5.72
N ILE C 16 9.61 10.45 4.76
CA ILE C 16 9.51 10.03 3.37
C ILE C 16 10.32 8.76 3.17
N ILE C 17 9.74 7.79 2.49
CA ILE C 17 10.44 6.55 2.19
C ILE C 17 10.25 6.23 0.71
N LEU C 19 9.66 3.41 -2.26
CA LEU C 19 9.10 2.08 -2.45
C LEU C 19 9.52 1.55 -3.81
N VAL C 21 10.15 -0.85 -6.88
CA VAL C 21 9.58 -1.92 -7.70
C VAL C 21 10.45 -2.11 -8.95
N LEU D 2 -5.18 11.98 -12.31
CA LEU D 2 -4.15 12.03 -11.29
C LEU D 2 -2.78 11.80 -11.91
N VAL D 3 -1.77 12.51 -11.42
CA VAL D 3 -0.43 12.35 -11.95
C VAL D 3 0.50 11.97 -10.80
N PHE D 5 4.13 10.28 -9.29
CA PHE D 5 5.53 10.53 -9.60
C PHE D 5 6.36 9.34 -9.17
N ALA D 6 7.44 9.10 -9.89
CA ALA D 6 8.32 7.99 -9.59
C ALA D 6 9.70 8.31 -10.15
N GLU D 7 10.71 7.74 -9.50
CA GLU D 7 12.07 7.81 -10.01
C GLU D 7 12.30 6.60 -10.90
N ASP D 8 12.35 6.83 -12.21
CA ASP D 8 12.55 5.76 -13.17
C ASP D 8 14.05 5.56 -13.35
N CYS D 9 14.59 4.57 -12.66
CA CYS D 9 16.01 4.26 -12.70
C CYS D 9 16.21 3.18 -13.74
N GLY D 10 16.72 3.58 -14.90
CA GLY D 10 17.13 2.65 -15.94
C GLY D 10 18.55 2.18 -15.71
N SER D 11 19.20 1.80 -16.81
CA SER D 11 20.56 1.29 -16.70
C SER D 11 21.59 2.43 -16.70
N ASN D 12 21.24 3.56 -17.31
CA ASN D 12 22.19 4.65 -17.50
C ASN D 12 21.87 5.89 -16.69
N LYS D 13 20.62 6.09 -16.27
CA LYS D 13 20.24 7.33 -15.63
C LYS D 13 18.89 7.16 -14.95
N CYS D 14 18.73 7.77 -13.79
CA CYS D 14 17.42 7.90 -13.19
C CYS D 14 16.79 9.23 -13.60
N ALA D 15 15.51 9.38 -13.29
CA ALA D 15 14.77 10.57 -13.66
C ALA D 15 13.35 10.53 -13.12
N ILE D 16 12.88 11.64 -12.57
CA ILE D 16 11.51 11.72 -12.08
C ILE D 16 10.58 11.77 -13.29
N ILE D 17 9.65 10.82 -13.33
CA ILE D 17 8.69 10.75 -14.43
C ILE D 17 7.29 10.85 -13.85
N LEU D 19 3.21 9.77 -14.03
CA LEU D 19 2.42 8.62 -14.42
C LEU D 19 0.95 9.02 -14.38
N VAL D 21 -2.86 8.98 -14.86
CA VAL D 21 -4.02 8.09 -14.79
C VAL D 21 -5.28 8.90 -15.03
N LEU E 2 -15.28 -4.62 0.87
CA LEU E 2 -14.27 -5.60 1.22
C LEU E 2 -13.35 -4.99 2.27
N VAL E 3 -12.98 -5.79 3.27
CA VAL E 3 -12.08 -5.26 4.29
C VAL E 3 -10.83 -6.12 4.33
N PHE E 5 -6.80 -6.61 5.87
CA PHE E 5 -6.09 -6.35 7.11
C PHE E 5 -4.58 -6.25 6.89
N ALA E 6 -3.96 -5.31 7.58
CA ALA E 6 -2.52 -5.12 7.50
C ALA E 6 -1.99 -4.66 8.85
N GLU E 7 -0.70 -4.88 9.06
CA GLU E 7 0.01 -4.32 10.21
C GLU E 7 0.59 -2.97 9.80
N ASP E 8 0.21 -1.92 10.54
CA ASP E 8 0.80 -0.59 10.36
C ASP E 8 1.94 -0.48 11.38
N CYS E 9 3.18 -0.62 10.91
CA CYS E 9 4.34 -0.69 11.77
C CYS E 9 5.11 0.63 11.71
N GLY E 10 5.42 1.18 12.88
CA GLY E 10 6.22 2.38 12.97
C GLY E 10 7.64 2.09 13.43
N SER E 11 8.21 3.02 14.19
CA SER E 11 9.60 2.87 14.62
C SER E 11 9.84 1.56 15.34
N ASN E 12 8.93 1.17 16.22
CA ASN E 12 9.14 -0.01 17.05
C ASN E 12 7.92 -0.93 17.11
N LYS E 13 6.71 -0.38 17.16
CA LYS E 13 5.51 -1.16 17.38
C LYS E 13 4.63 -1.18 16.13
N CYS E 14 3.73 -2.16 16.10
CA CYS E 14 2.80 -2.36 15.00
C CYS E 14 1.38 -2.37 15.53
N ALA E 15 0.42 -2.24 14.60
CA ALA E 15 -0.98 -2.31 14.94
C ALA E 15 -1.77 -2.83 13.75
N ILE E 16 -2.83 -3.58 14.04
CA ILE E 16 -3.72 -4.07 12.98
C ILE E 16 -4.63 -2.94 12.55
N ILE E 17 -4.72 -2.71 11.24
CA ILE E 17 -5.65 -1.73 10.71
C ILE E 17 -6.51 -2.36 9.62
N LEU E 19 -8.43 -1.99 6.00
CA LEU E 19 -8.41 -1.21 4.77
C LEU E 19 -9.68 -1.52 3.99
N VAL E 21 -12.63 -1.15 1.39
CA VAL E 21 -12.94 -0.76 0.01
C VAL E 21 -14.39 -1.07 -0.31
N LEU F 2 0.41 4.89 5.00
CA LEU F 2 1.26 5.47 3.96
C LEU F 2 0.50 6.54 3.21
N VAL F 3 1.15 7.65 2.92
CA VAL F 3 0.52 8.72 2.18
C VAL F 3 1.30 8.93 0.89
N PHE F 5 1.45 10.65 -3.07
CA PHE F 5 1.19 11.99 -3.56
C PHE F 5 0.88 11.97 -5.05
N ALA F 6 0.02 12.90 -5.48
CA ALA F 6 -0.31 13.01 -6.89
C ALA F 6 -0.78 14.43 -7.16
N GLU F 7 -0.66 14.84 -8.42
CA GLU F 7 -1.29 16.05 -8.91
C GLU F 7 -2.70 15.72 -9.36
N ASP F 8 -3.67 16.46 -8.84
CA ASP F 8 -5.07 16.26 -9.16
C ASP F 8 -5.47 17.34 -10.15
N CYS F 9 -5.54 16.97 -11.43
CA CYS F 9 -5.89 17.90 -12.50
C CYS F 9 -7.34 17.66 -12.93
N GLY F 10 -8.02 18.75 -13.27
CA GLY F 10 -9.38 18.66 -13.75
C GLY F 10 -9.59 19.44 -15.03
N SER F 11 -9.46 20.77 -14.93
CA SER F 11 -9.53 21.66 -16.08
C SER F 11 -8.28 22.54 -16.10
N ASN F 12 -7.11 21.89 -16.10
CA ASN F 12 -5.82 22.56 -16.07
C ASN F 12 -5.59 23.28 -14.74
N LYS F 13 -6.20 22.81 -13.67
CA LYS F 13 -5.99 23.34 -12.33
C LYS F 13 -5.48 22.21 -11.44
N CYS F 14 -4.23 21.81 -11.65
CA CYS F 14 -3.62 20.75 -10.87
C CYS F 14 -3.25 21.25 -9.48
N ALA F 15 -2.91 20.31 -8.61
CA ALA F 15 -2.46 20.61 -7.25
C ALA F 15 -2.11 19.32 -6.53
N ILE F 16 -1.13 19.37 -5.63
CA ILE F 16 -0.70 18.16 -4.93
C ILE F 16 -1.76 17.76 -3.91
N ILE F 17 -2.06 16.46 -3.86
CA ILE F 17 -2.99 15.93 -2.88
C ILE F 17 -2.38 14.69 -2.24
N LEU F 19 -2.86 10.76 -0.59
CA LEU F 19 -3.67 9.58 -0.79
C LEU F 19 -3.34 8.59 0.34
N VAL F 21 -3.37 5.67 2.83
CA VAL F 21 -3.61 4.23 2.84
C VAL F 21 -3.22 3.63 4.18
#